data_6O9C
#
_entry.id   6O9C
#
_cell.length_a   155.123
_cell.length_b   155.123
_cell.length_c   85.316
_cell.angle_alpha   90.000
_cell.angle_beta   90.000
_cell.angle_gamma   120.000
#
_symmetry.space_group_name_H-M   'P 6 2 2'
#
loop_
_entity.id
_entity.type
_entity.pdbx_description
1 polymer 'HLA class I histocompatibility antigen, A-3 alpha chain'
2 polymer Beta-2-microglobulin
3 polymer 'Catenin beta-1'
4 non-polymer '2-(N-MORPHOLINO)-ETHANESULFONIC ACID'
5 non-polymer 'SULFATE ION'
6 non-polymer DI(HYDROXYETHYL)ETHER
7 water water
#
loop_
_entity_poly.entity_id
_entity_poly.type
_entity_poly.pdbx_seq_one_letter_code
_entity_poly.pdbx_strand_id
1 'polypeptide(L)'
;MASGSHSMRYFFTSVSRPGRGEPRFIAVGYVDDTQFVRFDSDAASQRMEPRAPWIEQEGPEYWDQETRNVKAQSQTDRVD
LGTLRGYYNQSEAGSHTIQIMYGCDVGSDGRFLRGYRQDAYDGKDYIALNEDLRSWTAADMAAQITKRKWEAAHEAEQLR
AYLDGTCVEWLRRYLENGKETLQRTDPPKTHMTHHPISDHEATLRCWALGFYPAEITLTWQRDGEDQTQDTELVETRPAG
DGTFQKWAAVVVPSGEEQRYTCHVQHEGLPKPLTLRWELSSQPGSLHHILDAQKMVWNHR
;
A
2 'polypeptide(L)'
;MSRSVALAVLALLSLSGLEAIQRTPKIQVYSRHPAENGKSNFLNCYVSGFHPSDIEVDLLKNGERIEKVEHSDLSFSKDW
SFYLLYYTEFTPTEKDEYACRVNHVTLSQPKIVKWDRDM
;
B
3 'polypeptide(L)' TTAPFLSGK C
#
loop_
_chem_comp.id
_chem_comp.type
_chem_comp.name
_chem_comp.formula
MES non-polymer '2-(N-MORPHOLINO)-ETHANESULFONIC ACID' 'C6 H13 N O4 S'
PEG non-polymer DI(HYDROXYETHYL)ETHER 'C4 H10 O3'
SO4 non-polymer 'SULFATE ION' 'O4 S -2'
#
# COMPACT_ATOMS: atom_id res chain seq x y z
N SER A 3 -8.76 -4.67 17.58
CA SER A 3 -7.96 -3.58 18.26
C SER A 3 -6.58 -4.10 18.70
N GLY A 4 -6.50 -5.37 19.13
CA GLY A 4 -5.26 -6.16 19.25
C GLY A 4 -5.22 -7.27 18.20
N SER A 5 -5.93 -7.09 17.08
CA SER A 5 -6.04 -8.13 16.02
C SER A 5 -4.89 -7.99 15.02
N HIS A 6 -4.55 -9.07 14.32
CA HIS A 6 -3.42 -9.09 13.38
C HIS A 6 -3.82 -9.77 12.08
N SER A 7 -2.95 -9.67 11.08
CA SER A 7 -3.25 -10.11 9.70
C SER A 7 -1.98 -10.58 9.01
N MET A 8 -2.08 -11.56 8.13
CA MET A 8 -0.96 -11.96 7.25
C MET A 8 -1.47 -11.92 5.82
N ARG A 9 -0.79 -11.20 4.93
CA ARG A 9 -1.28 -10.99 3.56
C ARG A 9 -0.14 -11.14 2.57
N TYR A 10 -0.45 -11.71 1.42
CA TYR A 10 0.49 -11.73 0.29
C TYR A 10 -0.12 -11.02 -0.91
N PHE A 11 0.69 -10.20 -1.59
CA PHE A 11 0.23 -9.44 -2.76
C PHE A 11 1.08 -9.86 -3.95
N PHE A 12 0.43 -10.18 -5.06
CA PHE A 12 1.15 -10.58 -6.30
C PHE A 12 0.70 -9.69 -7.44
N THR A 13 1.63 -9.27 -8.28
CA THR A 13 1.36 -8.54 -9.52
C THR A 13 2.17 -9.16 -10.64
N SER A 14 1.49 -9.56 -11.71
CA SER A 14 2.07 -10.07 -12.96
C SER A 14 1.69 -9.10 -14.06
N VAL A 15 2.68 -8.57 -14.78
CA VAL A 15 2.49 -7.66 -15.94
C VAL A 15 3.09 -8.25 -17.21
N SER A 16 2.24 -8.60 -18.18
CA SER A 16 2.69 -9.15 -19.48
C SER A 16 3.53 -8.12 -20.21
N ARG A 17 4.59 -8.59 -20.84
CA ARG A 17 5.45 -7.78 -21.71
C ARG A 17 5.31 -8.32 -23.13
N PRO A 18 4.57 -7.62 -24.01
CA PRO A 18 4.34 -8.15 -25.36
C PRO A 18 5.68 -8.23 -26.12
N GLY A 19 6.03 -9.43 -26.62
CA GLY A 19 7.28 -9.70 -27.37
C GLY A 19 8.52 -9.05 -26.77
N ARG A 20 8.75 -9.24 -25.48
CA ARG A 20 9.97 -8.77 -24.75
C ARG A 20 10.26 -9.72 -23.57
N GLY A 21 10.02 -11.02 -23.76
CA GLY A 21 10.31 -12.06 -22.74
C GLY A 21 9.18 -12.25 -21.75
N GLU A 22 9.52 -12.75 -20.55
CA GLU A 22 8.56 -13.17 -19.49
C GLU A 22 7.96 -11.94 -18.78
N PRO A 23 6.79 -12.09 -18.12
CA PRO A 23 6.14 -10.96 -17.46
C PRO A 23 6.90 -10.45 -16.21
N ARG A 24 6.79 -9.18 -15.87
CA ARG A 24 7.33 -8.68 -14.59
C ARG A 24 6.48 -9.25 -13.46
N PHE A 25 7.07 -10.00 -12.54
CA PHE A 25 6.34 -10.55 -11.39
C PHE A 25 6.95 -10.05 -10.07
N ILE A 26 6.09 -9.53 -9.20
CA ILE A 26 6.51 -8.97 -7.89
C ILE A 26 5.56 -9.50 -6.84
N ALA A 27 6.10 -10.14 -5.81
CA ALA A 27 5.34 -10.68 -4.66
C ALA A 27 5.89 -10.08 -3.38
N VAL A 28 4.97 -9.73 -2.49
CA VAL A 28 5.31 -9.15 -1.16
C VAL A 28 4.39 -9.82 -0.15
N GLY A 29 4.95 -10.19 0.99
CA GLY A 29 4.14 -10.61 2.13
C GLY A 29 4.31 -9.61 3.25
N TYR A 30 3.26 -9.47 4.06
CA TYR A 30 3.13 -8.47 5.13
C TYR A 30 2.55 -9.14 6.36
N VAL A 31 3.07 -8.79 7.54
CA VAL A 31 2.32 -9.06 8.79
C VAL A 31 1.79 -7.69 9.19
N ASP A 32 0.48 -7.55 9.34
CA ASP A 32 -0.12 -6.21 9.54
C ASP A 32 0.41 -5.27 8.46
N ASP A 33 1.11 -4.21 8.84
CA ASP A 33 1.59 -3.20 7.86
C ASP A 33 3.09 -3.27 7.71
N THR A 34 3.70 -4.39 8.09
CA THR A 34 5.17 -4.56 8.00
C THR A 34 5.48 -5.57 6.91
N GLN A 35 6.22 -5.15 5.89
CA GLN A 35 6.73 -6.08 4.87
C GLN A 35 7.67 -7.06 5.56
N PHE A 36 7.59 -8.36 5.23
CA PHE A 36 8.57 -9.32 5.76
C PHE A 36 9.14 -10.25 4.69
N VAL A 37 8.54 -10.40 3.51
CA VAL A 37 9.19 -11.17 2.42
C VAL A 37 8.96 -10.47 1.10
N ARG A 38 9.77 -10.77 0.10
CA ARG A 38 9.65 -10.12 -1.22
C ARG A 38 10.18 -11.08 -2.27
N PHE A 39 9.57 -11.07 -3.45
CA PHE A 39 10.14 -11.74 -4.65
C PHE A 39 9.98 -10.80 -5.82
N ASP A 40 11.03 -10.58 -6.59
CA ASP A 40 10.95 -9.72 -7.79
C ASP A 40 11.68 -10.40 -8.94
N SER A 41 10.94 -10.75 -10.00
CA SER A 41 11.48 -11.57 -11.12
C SER A 41 12.67 -10.87 -11.75
N ASP A 42 12.84 -9.57 -11.54
CA ASP A 42 13.97 -8.77 -12.09
C ASP A 42 15.12 -8.63 -11.10
N ALA A 43 14.95 -9.01 -9.85
CA ALA A 43 16.02 -8.90 -8.83
C ALA A 43 17.11 -9.92 -9.15
N ALA A 44 18.30 -9.73 -8.58
CA ALA A 44 19.50 -10.57 -8.83
C ALA A 44 19.25 -12.00 -8.33
N SER A 45 18.86 -12.13 -7.07
CA SER A 45 18.87 -13.43 -6.35
C SER A 45 17.94 -14.49 -6.99
N GLN A 46 16.84 -14.11 -7.62
CA GLN A 46 15.75 -15.05 -8.03
C GLN A 46 15.34 -15.94 -6.86
N ARG A 47 15.37 -15.39 -5.64
CA ARG A 47 14.93 -16.12 -4.44
C ARG A 47 13.89 -15.28 -3.70
N MET A 48 13.01 -15.92 -2.97
CA MET A 48 12.21 -15.18 -2.00
C MET A 48 13.20 -14.65 -0.97
N GLU A 49 13.18 -13.35 -0.66
CA GLU A 49 14.16 -12.78 0.27
C GLU A 49 13.46 -12.13 1.46
N PRO A 50 14.11 -12.18 2.64
CA PRO A 50 13.57 -11.59 3.86
C PRO A 50 13.66 -10.05 3.89
N ARG A 51 12.76 -9.42 4.63
CA ARG A 51 12.65 -7.94 4.72
C ARG A 51 12.29 -7.52 6.13
N ALA A 52 12.53 -8.41 7.07
CA ALA A 52 12.24 -8.11 8.48
C ALA A 52 13.18 -9.00 9.25
N PRO A 53 13.77 -8.51 10.36
CA PRO A 53 14.84 -9.29 10.98
C PRO A 53 14.28 -10.60 11.56
N TRP A 54 13.05 -10.55 12.08
CA TRP A 54 12.46 -11.69 12.82
C TRP A 54 12.15 -12.89 11.91
N ILE A 55 12.11 -12.71 10.58
CA ILE A 55 11.93 -13.83 9.60
C ILE A 55 13.32 -14.29 9.15
N GLU A 56 14.35 -13.48 9.31
CA GLU A 56 15.71 -13.83 8.82
C GLU A 56 16.12 -15.19 9.42
N GLN A 57 15.71 -15.41 10.66
CA GLN A 57 15.93 -16.60 11.52
C GLN A 57 15.50 -17.93 10.89
N GLU A 58 14.55 -17.92 9.93
CA GLU A 58 14.01 -19.15 9.28
C GLU A 58 15.09 -19.84 8.45
N GLY A 59 14.97 -21.16 8.37
CA GLY A 59 16.04 -22.03 7.86
C GLY A 59 16.04 -22.15 6.36
N PRO A 60 17.12 -22.70 5.79
CA PRO A 60 17.29 -22.82 4.34
C PRO A 60 16.21 -23.64 3.61
N GLU A 61 15.60 -24.61 4.28
CA GLU A 61 14.43 -25.33 3.71
C GLU A 61 13.23 -24.37 3.58
N TYR A 62 13.01 -23.49 4.56
CA TYR A 62 11.92 -22.47 4.51
C TYR A 62 12.13 -21.57 3.28
N TRP A 63 13.34 -21.06 3.04
CA TRP A 63 13.62 -20.23 1.82
C TRP A 63 13.49 -21.06 0.55
N ASP A 64 13.79 -22.35 0.62
CA ASP A 64 13.73 -23.24 -0.56
C ASP A 64 12.27 -23.41 -0.95
N GLN A 65 11.43 -23.69 0.03
CA GLN A 65 10.00 -23.97 -0.21
C GLN A 65 9.25 -22.70 -0.65
N GLU A 66 9.59 -21.55 -0.06
CA GLU A 66 8.92 -20.27 -0.38
C GLU A 66 9.37 -19.80 -1.76
N THR A 67 10.63 -20.01 -2.11
CA THR A 67 11.08 -19.74 -3.49
C THR A 67 10.32 -20.63 -4.48
N ARG A 68 10.23 -21.94 -4.24
CA ARG A 68 9.64 -22.82 -5.26
C ARG A 68 8.17 -22.43 -5.47
N ASN A 69 7.43 -22.20 -4.37
CA ASN A 69 5.98 -21.90 -4.38
C ASN A 69 5.71 -20.55 -5.06
N VAL A 70 6.53 -19.55 -4.78
CA VAL A 70 6.36 -18.19 -5.36
C VAL A 70 6.78 -18.20 -6.85
N LYS A 71 7.74 -19.03 -7.24
CA LYS A 71 8.17 -19.12 -8.67
C LYS A 71 7.03 -19.77 -9.46
N ALA A 72 6.34 -20.69 -8.82
CA ALA A 72 5.23 -21.47 -9.40
C ALA A 72 4.02 -20.57 -9.59
N GLN A 73 3.64 -19.90 -8.52
CA GLN A 73 2.58 -18.87 -8.54
C GLN A 73 2.82 -17.99 -9.78
N SER A 74 4.04 -17.56 -10.05
CA SER A 74 4.27 -16.65 -11.20
C SER A 74 4.06 -17.38 -12.54
N GLN A 75 4.37 -18.65 -12.61
CA GLN A 75 4.22 -19.43 -13.87
C GLN A 75 2.71 -19.64 -14.09
N THR A 76 1.94 -19.85 -13.03
CA THR A 76 0.47 -19.97 -13.14
C THR A 76 -0.17 -18.58 -13.46
N ASP A 77 0.39 -17.45 -13.01
CA ASP A 77 -0.04 -16.08 -13.41
C ASP A 77 0.27 -15.83 -14.89
N ARG A 78 1.38 -16.39 -15.36
CA ARG A 78 1.83 -16.21 -16.77
C ARG A 78 0.89 -16.91 -17.76
N VAL A 79 0.36 -18.07 -17.39
CA VAL A 79 -0.62 -18.86 -18.19
C VAL A 79 -1.91 -18.07 -18.24
N ASP A 80 -2.40 -17.75 -17.05
CA ASP A 80 -3.64 -17.03 -16.77
C ASP A 80 -3.66 -15.73 -17.59
N LEU A 81 -2.55 -15.03 -17.76
CA LEU A 81 -2.57 -13.79 -18.58
C LEU A 81 -2.97 -14.14 -20.02
N GLY A 82 -2.47 -15.27 -20.54
CA GLY A 82 -2.81 -15.77 -21.89
C GLY A 82 -4.25 -16.22 -21.96
N THR A 83 -4.72 -16.97 -20.97
CA THR A 83 -6.13 -17.42 -20.88
C THR A 83 -7.09 -16.24 -20.80
N LEU A 84 -6.83 -15.27 -19.91
CA LEU A 84 -7.75 -14.12 -19.67
C LEU A 84 -7.77 -13.22 -20.91
N ARG A 85 -6.63 -13.02 -21.56
CA ARG A 85 -6.60 -12.40 -22.91
C ARG A 85 -7.57 -13.13 -23.87
N GLY A 86 -7.71 -14.43 -23.77
CA GLY A 86 -8.64 -15.16 -24.64
C GLY A 86 -10.05 -14.83 -24.24
N TYR A 87 -10.34 -14.87 -22.94
CA TYR A 87 -11.71 -14.67 -22.41
C TYR A 87 -12.22 -13.28 -22.78
N TYR A 88 -11.36 -12.27 -22.68
CA TYR A 88 -11.77 -10.88 -22.95
C TYR A 88 -11.39 -10.52 -24.38
N ASN A 89 -11.13 -11.53 -25.20
CA ASN A 89 -11.00 -11.37 -26.66
C ASN A 89 -10.09 -10.18 -26.95
N GLN A 90 -8.87 -10.21 -26.42
CA GLN A 90 -7.91 -9.09 -26.57
C GLN A 90 -6.75 -9.56 -27.41
N SER A 91 -5.98 -8.64 -27.95
CA SER A 91 -4.84 -9.01 -28.80
C SER A 91 -3.60 -9.27 -27.94
N GLU A 92 -2.63 -9.91 -28.58
CA GLU A 92 -1.33 -10.35 -27.99
C GLU A 92 -0.35 -9.19 -27.93
N ALA A 93 -0.72 -8.01 -28.46
CA ALA A 93 0.15 -6.83 -28.60
C ALA A 93 0.22 -5.96 -27.33
N GLY A 94 -0.83 -5.94 -26.51
CA GLY A 94 -0.91 -5.01 -25.35
C GLY A 94 -0.39 -5.63 -24.06
N SER A 95 0.10 -4.78 -23.16
CA SER A 95 0.42 -5.14 -21.76
C SER A 95 -0.84 -5.29 -20.92
N HIS A 96 -0.96 -6.40 -20.17
CA HIS A 96 -2.06 -6.67 -19.23
C HIS A 96 -1.50 -7.06 -17.85
N THR A 97 -2.34 -6.93 -16.83
CA THR A 97 -1.98 -7.07 -15.39
C THR A 97 -2.93 -8.03 -14.69
N ILE A 98 -2.38 -8.98 -13.94
CA ILE A 98 -3.16 -9.78 -12.95
C ILE A 98 -2.71 -9.41 -11.54
N GLN A 99 -3.65 -9.22 -10.65
CA GLN A 99 -3.30 -8.92 -9.25
C GLN A 99 -4.06 -9.88 -8.37
N ILE A 100 -3.39 -10.34 -7.32
CA ILE A 100 -3.97 -11.32 -6.40
C ILE A 100 -3.63 -10.87 -5.01
N MET A 101 -4.56 -11.03 -4.12
CA MET A 101 -4.27 -10.77 -2.71
C MET A 101 -4.98 -11.83 -1.89
N TYR A 102 -4.28 -12.37 -0.89
CA TYR A 102 -4.89 -13.34 0.02
C TYR A 102 -4.24 -13.30 1.38
N GLY A 103 -4.98 -13.75 2.37
CA GLY A 103 -4.50 -13.71 3.75
C GLY A 103 -5.55 -14.14 4.73
N CYS A 104 -5.19 -14.02 6.00
CA CYS A 104 -6.06 -14.33 7.15
C CYS A 104 -5.84 -13.29 8.25
N ASP A 105 -6.84 -13.17 9.09
CA ASP A 105 -6.78 -12.34 10.31
C ASP A 105 -7.01 -13.19 11.54
N VAL A 106 -6.25 -12.88 12.60
CA VAL A 106 -6.51 -13.42 13.96
C VAL A 106 -6.80 -12.29 14.94
N GLY A 107 -7.49 -12.68 16.01
CA GLY A 107 -7.77 -11.80 17.16
C GLY A 107 -6.60 -11.80 18.11
N SER A 108 -6.70 -11.01 19.18
CA SER A 108 -5.61 -10.79 20.16
C SER A 108 -5.22 -12.10 20.85
N ASP A 109 -6.12 -13.08 20.88
CA ASP A 109 -5.90 -14.42 21.50
C ASP A 109 -5.50 -15.47 20.46
N GLY A 110 -5.31 -15.08 19.19
CA GLY A 110 -4.72 -15.97 18.16
C GLY A 110 -5.77 -16.79 17.40
N ARG A 111 -7.06 -16.49 17.58
CA ARG A 111 -8.14 -17.29 16.97
C ARG A 111 -8.46 -16.70 15.60
N PHE A 112 -8.56 -17.57 14.60
CA PHE A 112 -9.06 -17.22 13.26
C PHE A 112 -10.27 -16.28 13.38
N LEU A 113 -10.23 -15.16 12.65
CA LEU A 113 -11.38 -14.25 12.48
C LEU A 113 -11.95 -14.36 11.06
N ARG A 114 -11.07 -14.56 10.06
CA ARG A 114 -11.38 -14.23 8.64
C ARG A 114 -10.25 -14.68 7.72
N GLY A 115 -10.63 -15.03 6.51
CA GLY A 115 -9.71 -15.38 5.42
C GLY A 115 -10.26 -14.78 4.16
N TYR A 116 -9.41 -14.56 3.17
CA TYR A 116 -9.79 -13.83 1.95
C TYR A 116 -8.87 -14.22 0.81
N ARG A 117 -9.44 -14.20 -0.38
CA ARG A 117 -8.65 -14.25 -1.64
C ARG A 117 -9.40 -13.48 -2.70
N GLN A 118 -8.70 -12.58 -3.36
CA GLN A 118 -9.28 -11.63 -4.32
C GLN A 118 -8.35 -11.53 -5.51
N ASP A 119 -8.90 -11.66 -6.70
CA ASP A 119 -8.11 -11.64 -7.92
C ASP A 119 -8.63 -10.52 -8.81
N ALA A 120 -7.75 -9.90 -9.59
CA ALA A 120 -8.14 -8.80 -10.49
C ALA A 120 -7.44 -8.89 -11.82
N TYR A 121 -8.10 -8.34 -12.83
CA TYR A 121 -7.56 -8.31 -14.20
C TYR A 121 -7.69 -6.87 -14.69
N ASP A 122 -6.56 -6.33 -15.14
CA ASP A 122 -6.42 -4.92 -15.58
C ASP A 122 -7.05 -3.94 -14.60
N GLY A 123 -6.72 -4.08 -13.32
CA GLY A 123 -7.19 -3.10 -12.34
C GLY A 123 -8.65 -3.26 -11.97
N LYS A 124 -9.35 -4.27 -12.47
CA LYS A 124 -10.76 -4.50 -12.05
C LYS A 124 -10.94 -5.89 -11.44
N ASP A 125 -11.95 -5.98 -10.57
CA ASP A 125 -12.33 -7.24 -9.91
C ASP A 125 -12.41 -8.29 -11.00
N TYR A 126 -11.93 -9.50 -10.72
CA TYR A 126 -12.13 -10.65 -11.62
C TYR A 126 -12.91 -11.72 -10.85
N ILE A 127 -12.32 -12.27 -9.81
CA ILE A 127 -13.02 -13.29 -9.00
C ILE A 127 -12.52 -13.11 -7.59
N ALA A 128 -13.39 -13.39 -6.62
CA ALA A 128 -13.05 -13.40 -5.19
C ALA A 128 -13.70 -14.59 -4.46
N LEU A 129 -13.04 -15.06 -3.40
CA LEU A 129 -13.58 -16.08 -2.50
C LEU A 129 -14.54 -15.42 -1.52
N ASN A 130 -15.64 -16.08 -1.22
CA ASN A 130 -16.66 -15.51 -0.31
C ASN A 130 -16.19 -15.67 1.13
N GLU A 131 -16.75 -14.87 2.01
CA GLU A 131 -16.49 -14.93 3.48
C GLU A 131 -16.60 -16.36 4.01
N ASP A 132 -17.52 -17.20 3.51
CA ASP A 132 -17.71 -18.59 4.00
C ASP A 132 -16.53 -19.49 3.64
N LEU A 133 -15.71 -19.08 2.68
CA LEU A 133 -14.49 -19.81 2.23
C LEU A 133 -14.86 -21.12 1.50
N ARG A 134 -16.08 -21.23 1.00
CA ARG A 134 -16.48 -22.44 0.24
C ARG A 134 -17.17 -22.09 -1.06
N SER A 135 -17.21 -20.81 -1.45
CA SER A 135 -17.84 -20.39 -2.72
C SER A 135 -17.14 -19.16 -3.29
N TRP A 136 -17.39 -18.89 -4.56
CA TRP A 136 -16.69 -17.84 -5.33
C TRP A 136 -17.74 -16.86 -5.82
N THR A 137 -17.32 -15.62 -5.99
CA THR A 137 -18.09 -14.60 -6.73
C THR A 137 -17.28 -14.09 -7.91
N ALA A 138 -17.77 -14.35 -9.12
CA ALA A 138 -17.18 -13.81 -10.37
C ALA A 138 -17.74 -12.42 -10.68
N ALA A 139 -16.95 -11.55 -11.29
CA ALA A 139 -17.30 -10.11 -11.42
C ALA A 139 -18.04 -9.90 -12.74
N ASP A 140 -17.87 -10.83 -13.67
CA ASP A 140 -18.49 -10.74 -15.00
C ASP A 140 -18.54 -12.16 -15.60
N MET A 141 -18.97 -12.29 -16.85
CA MET A 141 -19.25 -13.62 -17.49
C MET A 141 -17.96 -14.28 -17.97
N ALA A 142 -16.92 -13.52 -18.27
CA ALA A 142 -15.57 -14.09 -18.50
C ALA A 142 -15.10 -14.84 -17.25
N ALA A 143 -15.06 -14.13 -16.12
CA ALA A 143 -14.62 -14.70 -14.83
C ALA A 143 -15.48 -15.89 -14.39
N GLN A 144 -16.74 -15.99 -14.82
CA GLN A 144 -17.60 -17.15 -14.44
C GLN A 144 -16.99 -18.45 -14.99
N ILE A 145 -16.28 -18.36 -16.11
CA ILE A 145 -15.54 -19.53 -16.68
C ILE A 145 -14.48 -20.02 -15.68
N THR A 146 -13.69 -19.13 -15.10
CA THR A 146 -12.69 -19.49 -14.07
C THR A 146 -13.46 -20.14 -12.94
N LYS A 147 -14.57 -19.54 -12.53
CA LYS A 147 -15.39 -20.02 -11.37
C LYS A 147 -15.88 -21.46 -11.58
N ARG A 148 -16.19 -21.85 -12.81
CA ARG A 148 -16.54 -23.25 -13.15
C ARG A 148 -15.32 -24.17 -13.05
N LYS A 149 -14.17 -23.79 -13.59
CA LYS A 149 -13.00 -24.68 -13.39
C LYS A 149 -12.82 -24.93 -11.89
N TRP A 150 -12.68 -23.85 -11.12
CA TRP A 150 -12.27 -23.94 -9.69
C TRP A 150 -13.30 -24.69 -8.89
N GLU A 151 -14.57 -24.57 -9.23
CA GLU A 151 -15.66 -25.34 -8.55
C GLU A 151 -15.47 -26.83 -8.86
N ALA A 152 -15.11 -27.17 -10.10
CA ALA A 152 -14.88 -28.55 -10.58
C ALA A 152 -13.78 -29.19 -9.73
N ALA A 153 -12.63 -28.51 -9.65
CA ALA A 153 -11.42 -29.01 -8.96
C ALA A 153 -11.53 -28.78 -7.44
N HIS A 154 -12.64 -28.26 -6.95
CA HIS A 154 -12.83 -28.02 -5.49
C HIS A 154 -11.63 -27.22 -4.93
N GLU A 155 -11.19 -26.20 -5.64
CA GLU A 155 -10.10 -25.30 -5.18
C GLU A 155 -10.52 -24.58 -3.89
N ALA A 156 -11.77 -24.19 -3.75
CA ALA A 156 -12.20 -23.52 -2.50
C ALA A 156 -11.78 -24.34 -1.27
N GLU A 157 -12.04 -25.65 -1.26
CA GLU A 157 -11.84 -26.51 -0.05
C GLU A 157 -10.34 -26.68 0.25
N GLN A 158 -9.46 -26.82 -0.75
CA GLN A 158 -7.99 -26.87 -0.47
C GLN A 158 -7.57 -25.52 0.12
N LEU A 159 -8.04 -24.42 -0.48
CA LEU A 159 -7.63 -23.05 -0.09
C LEU A 159 -8.17 -22.75 1.30
N ARG A 160 -9.38 -23.20 1.63
CA ARG A 160 -9.97 -23.01 3.00
CA ARG A 160 -9.95 -22.98 3.00
C ARG A 160 -9.02 -23.61 4.05
N ALA A 161 -8.44 -24.76 3.76
CA ALA A 161 -7.58 -25.45 4.74
C ALA A 161 -6.39 -24.54 5.06
N TYR A 162 -5.82 -23.89 4.05
CA TYR A 162 -4.74 -22.89 4.24
C TYR A 162 -5.29 -21.64 4.94
N LEU A 163 -6.29 -20.98 4.37
CA LEU A 163 -6.75 -19.68 4.92
C LEU A 163 -7.22 -19.79 6.38
N ASP A 164 -7.83 -20.90 6.79
CA ASP A 164 -8.33 -21.00 8.19
C ASP A 164 -7.48 -21.96 9.03
N GLY A 165 -6.45 -22.61 8.45
CA GLY A 165 -5.53 -23.48 9.19
C GLY A 165 -4.06 -23.04 9.13
N THR A 166 -3.34 -23.42 8.08
CA THR A 166 -1.90 -23.14 7.91
C THR A 166 -1.59 -21.65 8.13
N CYS A 167 -2.30 -20.79 7.39
CA CYS A 167 -2.14 -19.32 7.43
C CYS A 167 -2.22 -18.85 8.88
N VAL A 168 -3.18 -19.35 9.65
CA VAL A 168 -3.38 -18.95 11.06
C VAL A 168 -2.21 -19.43 11.94
N GLU A 169 -1.71 -20.63 11.72
CA GLU A 169 -0.60 -21.17 12.55
C GLU A 169 0.67 -20.37 12.19
N TRP A 170 0.95 -20.11 10.92
CA TRP A 170 2.17 -19.34 10.58
C TRP A 170 2.03 -17.88 11.03
N LEU A 171 0.84 -17.29 10.95
CA LEU A 171 0.70 -15.91 11.45
C LEU A 171 1.07 -15.90 12.94
N ARG A 172 0.52 -16.84 13.71
CA ARG A 172 0.71 -16.94 15.18
C ARG A 172 2.19 -17.11 15.52
N ARG A 173 2.93 -17.84 14.69
CA ARG A 173 4.39 -18.03 14.87
C ARG A 173 5.15 -16.75 14.59
N TYR A 174 4.83 -16.09 13.47
CA TYR A 174 5.56 -14.87 13.07
C TYR A 174 5.36 -13.85 14.19
N LEU A 175 4.17 -13.81 14.78
CA LEU A 175 3.88 -12.82 15.82
C LEU A 175 4.67 -13.12 17.06
N GLU A 176 4.85 -14.40 17.35
CA GLU A 176 5.65 -14.83 18.51
C GLU A 176 7.13 -14.57 18.19
N ASN A 177 7.58 -14.97 17.00
CA ASN A 177 9.00 -14.82 16.58
C ASN A 177 9.38 -13.34 16.46
N GLY A 178 8.41 -12.47 16.19
CA GLY A 178 8.68 -11.05 15.92
C GLY A 178 8.09 -10.15 16.99
N LYS A 179 7.87 -10.64 18.20
CA LYS A 179 7.02 -9.91 19.20
C LYS A 179 7.62 -8.55 19.61
N GLU A 180 8.92 -8.32 19.42
CA GLU A 180 9.54 -6.98 19.64
C GLU A 180 8.91 -6.00 18.64
N THR A 181 9.15 -6.25 17.35
CA THR A 181 8.64 -5.46 16.19
C THR A 181 7.10 -5.33 16.25
N LEU A 182 6.34 -6.44 16.25
CA LEU A 182 4.93 -6.46 15.72
C LEU A 182 3.85 -6.07 16.75
N GLN A 183 4.04 -6.23 18.05
CA GLN A 183 2.97 -5.88 19.03
C GLN A 183 2.94 -4.36 19.33
N ARG A 184 3.98 -3.60 18.96
CA ARG A 184 4.02 -2.13 19.18
C ARG A 184 2.92 -1.44 18.38
N THR A 185 1.98 -0.81 19.07
CA THR A 185 1.07 0.22 18.51
C THR A 185 1.67 1.60 18.85
N ASP A 186 1.87 2.46 17.84
CA ASP A 186 2.33 3.86 18.03
C ASP A 186 1.17 4.78 17.74
N PRO A 187 0.70 5.54 18.75
CA PRO A 187 -0.38 6.49 18.51
C PRO A 187 0.14 7.72 17.76
N PRO A 188 -0.72 8.50 17.09
CA PRO A 188 -0.22 9.62 16.30
C PRO A 188 0.27 10.77 17.18
N LYS A 189 1.44 11.30 16.86
CA LYS A 189 1.81 12.66 17.28
C LYS A 189 1.02 13.64 16.41
N THR A 190 0.08 14.34 16.98
CA THR A 190 -0.77 15.25 16.17
C THR A 190 -0.37 16.70 16.39
N HIS A 191 -0.55 17.53 15.37
CA HIS A 191 -0.46 19.01 15.53
C HIS A 191 -1.17 19.72 14.38
N MET A 192 -1.18 21.03 14.44
CA MET A 192 -1.98 21.88 13.52
C MET A 192 -1.07 22.97 12.99
N THR A 193 -1.20 23.31 11.72
CA THR A 193 -0.50 24.45 11.12
C THR A 193 -1.50 25.36 10.44
N HIS A 194 -1.03 26.56 10.12
CA HIS A 194 -1.88 27.71 9.74
C HIS A 194 -1.15 28.43 8.62
N HIS A 195 -1.81 28.59 7.48
CA HIS A 195 -1.15 29.16 6.27
C HIS A 195 -2.09 30.16 5.61
N PRO A 196 -1.84 31.47 5.79
CA PRO A 196 -2.68 32.47 5.14
C PRO A 196 -2.65 32.31 3.61
N ILE A 197 -3.81 32.34 3.00
CA ILE A 197 -3.96 32.33 1.51
C ILE A 197 -3.94 33.76 0.99
N SER A 198 -4.29 34.70 1.86
CA SER A 198 -4.65 36.09 1.52
C SER A 198 -4.76 36.85 2.85
N ASP A 199 -5.17 38.12 2.80
CA ASP A 199 -5.47 38.93 3.99
C ASP A 199 -6.71 38.39 4.74
N HIS A 200 -7.57 37.57 4.12
CA HIS A 200 -8.90 37.25 4.70
C HIS A 200 -9.14 35.74 4.82
N GLU A 201 -8.22 34.90 4.34
CA GLU A 201 -8.41 33.43 4.45
C GLU A 201 -7.09 32.76 4.81
N ALA A 202 -7.20 31.58 5.36
CA ALA A 202 -6.04 30.75 5.68
C ALA A 202 -6.43 29.27 5.66
N THR A 203 -5.47 28.46 5.27
CA THR A 203 -5.52 27.00 5.32
C THR A 203 -5.20 26.54 6.73
N LEU A 204 -6.12 25.88 7.40
CA LEU A 204 -5.79 25.09 8.60
C LEU A 204 -5.42 23.66 8.18
N ARG A 205 -4.27 23.16 8.63
CA ARG A 205 -3.88 21.78 8.28
C ARG A 205 -3.65 20.98 9.57
N CYS A 206 -4.38 19.88 9.68
CA CYS A 206 -4.33 18.98 10.84
C CYS A 206 -3.43 17.80 10.51
N TRP A 207 -2.37 17.62 11.29
CA TRP A 207 -1.32 16.62 11.03
C TRP A 207 -1.44 15.43 11.98
N ALA A 208 -1.16 14.24 11.48
CA ALA A 208 -1.00 13.02 12.29
C ALA A 208 0.27 12.35 11.83
N LEU A 209 1.18 12.13 12.77
CA LEU A 209 2.56 11.69 12.44
C LEU A 209 2.94 10.51 13.32
N GLY A 210 3.97 9.80 12.86
CA GLY A 210 4.61 8.64 13.53
C GLY A 210 3.66 7.59 14.09
N PHE A 211 2.53 7.30 13.44
CA PHE A 211 1.54 6.30 13.93
C PHE A 211 1.65 4.93 13.21
N TYR A 212 1.17 3.91 13.90
CA TYR A 212 1.21 2.48 13.48
C TYR A 212 0.15 1.74 14.28
N PRO A 213 -0.74 0.97 13.63
CA PRO A 213 -0.71 0.75 12.18
C PRO A 213 -1.39 1.84 11.37
N ALA A 214 -1.41 1.66 10.04
CA ALA A 214 -1.69 2.75 9.08
C ALA A 214 -3.13 3.28 9.20
N GLU A 215 -4.08 2.49 9.69
CA GLU A 215 -5.47 3.00 9.70
C GLU A 215 -5.62 4.12 10.73
N ILE A 216 -6.39 5.14 10.34
CA ILE A 216 -6.56 6.40 11.09
C ILE A 216 -7.74 7.11 10.50
N THR A 217 -8.41 7.95 11.26
CA THR A 217 -9.42 8.86 10.68
C THR A 217 -9.07 10.29 11.07
N LEU A 218 -9.20 11.22 10.12
CA LEU A 218 -9.07 12.68 10.34
C LEU A 218 -10.30 13.36 9.77
N THR A 219 -11.00 14.11 10.61
CA THR A 219 -12.23 14.82 10.22
C THR A 219 -12.08 16.29 10.62
N TRP A 220 -12.75 17.16 9.89
CA TRP A 220 -12.87 18.59 10.21
C TRP A 220 -14.32 18.90 10.56
N GLN A 221 -14.57 19.42 11.76
CA GLN A 221 -15.91 19.93 12.10
C GLN A 221 -15.84 21.45 12.23
N ARG A 222 -16.87 22.14 11.74
CA ARG A 222 -17.11 23.57 12.07
C ARG A 222 -18.30 23.68 13.01
N ASP A 223 -18.08 24.15 14.24
CA ASP A 223 -19.17 24.29 15.24
C ASP A 223 -19.88 22.94 15.38
N GLY A 224 -19.10 21.86 15.50
CA GLY A 224 -19.61 20.49 15.69
C GLY A 224 -20.33 19.91 14.47
N GLU A 225 -20.25 20.55 13.31
CA GLU A 225 -20.87 20.05 12.06
C GLU A 225 -19.75 19.63 11.13
N ASP A 226 -19.95 18.57 10.36
CA ASP A 226 -18.85 17.99 9.55
C ASP A 226 -18.63 18.84 8.30
N GLN A 227 -17.43 18.73 7.74
CA GLN A 227 -16.94 19.58 6.62
C GLN A 227 -16.55 18.71 5.42
N THR A 228 -17.18 17.55 5.28
CA THR A 228 -16.71 16.48 4.35
C THR A 228 -16.48 17.05 2.94
N GLN A 229 -17.10 18.19 2.56
CA GLN A 229 -17.05 18.73 1.16
C GLN A 229 -15.87 19.70 0.96
N ASP A 230 -15.43 20.44 1.98
CA ASP A 230 -14.34 21.44 1.83
C ASP A 230 -13.02 20.94 2.43
N THR A 231 -13.04 19.77 3.05
CA THR A 231 -11.82 19.11 3.58
C THR A 231 -10.99 18.65 2.38
N GLU A 232 -9.71 19.00 2.38
CA GLU A 232 -8.73 18.30 1.52
C GLU A 232 -8.03 17.22 2.34
N LEU A 233 -8.16 15.97 1.92
CA LEU A 233 -7.58 14.80 2.61
C LEU A 233 -6.47 14.24 1.73
N VAL A 234 -5.32 13.94 2.28
CA VAL A 234 -4.34 13.19 1.45
C VAL A 234 -4.37 11.73 1.89
N GLU A 235 -3.91 10.87 0.98
CA GLU A 235 -3.78 9.44 1.27
C GLU A 235 -2.69 9.27 2.29
N THR A 236 -2.92 8.33 3.18
CA THR A 236 -2.01 7.97 4.27
C THR A 236 -0.72 7.50 3.64
N ARG A 237 0.39 7.82 4.27
CA ARG A 237 1.65 7.57 3.56
C ARG A 237 2.69 7.05 4.53
N PRO A 238 3.62 6.21 4.01
CA PRO A 238 4.74 5.73 4.81
C PRO A 238 5.79 6.82 5.06
N ALA A 239 6.20 6.97 6.32
CA ALA A 239 7.39 7.77 6.70
C ALA A 239 8.67 7.13 6.14
N GLY A 240 8.70 5.81 5.96
CA GLY A 240 9.89 5.04 5.50
C GLY A 240 10.69 4.43 6.66
N ASP A 241 10.22 4.61 7.91
CA ASP A 241 10.87 4.02 9.12
C ASP A 241 9.89 3.04 9.76
N GLY A 242 8.84 2.67 9.03
CA GLY A 242 7.82 1.71 9.49
C GLY A 242 6.61 2.43 10.04
N THR A 243 6.64 3.77 10.14
CA THR A 243 5.48 4.57 10.65
C THR A 243 4.74 5.22 9.50
N PHE A 244 3.60 5.81 9.82
CA PHE A 244 2.68 6.40 8.83
C PHE A 244 2.34 7.87 9.16
N GLN A 245 1.94 8.62 8.13
CA GLN A 245 1.61 10.06 8.22
C GLN A 245 0.32 10.33 7.46
N LYS A 246 -0.41 11.32 7.91
CA LYS A 246 -1.51 11.88 7.10
C LYS A 246 -1.81 13.29 7.53
N TRP A 247 -2.47 14.05 6.65
CA TRP A 247 -3.05 15.36 7.01
C TRP A 247 -4.36 15.61 6.29
N ALA A 248 -5.07 16.59 6.82
CA ALA A 248 -6.33 17.11 6.26
C ALA A 248 -6.32 18.63 6.44
N ALA A 249 -6.91 19.34 5.49
CA ALA A 249 -6.90 20.82 5.45
C ALA A 249 -8.29 21.34 5.19
N VAL A 250 -8.56 22.49 5.77
CA VAL A 250 -9.77 23.28 5.48
C VAL A 250 -9.34 24.72 5.33
N VAL A 251 -9.94 25.39 4.36
CA VAL A 251 -9.69 26.83 4.11
C VAL A 251 -10.76 27.57 4.89
N VAL A 252 -10.35 28.52 5.71
CA VAL A 252 -11.30 29.18 6.63
C VAL A 252 -11.08 30.68 6.53
N PRO A 253 -12.11 31.46 6.90
CA PRO A 253 -12.01 32.91 6.88
C PRO A 253 -11.15 33.36 8.06
N SER A 254 -10.28 34.34 7.82
CA SER A 254 -9.41 34.85 8.91
C SER A 254 -10.31 35.36 10.03
N GLY A 255 -9.96 35.05 11.26
CA GLY A 255 -10.69 35.48 12.46
C GLY A 255 -11.70 34.43 12.92
N GLU A 256 -11.92 33.37 12.14
CA GLU A 256 -12.94 32.34 12.46
C GLU A 256 -12.26 31.00 12.76
N GLU A 257 -10.92 31.00 12.81
CA GLU A 257 -10.12 29.77 13.06
C GLU A 257 -10.71 28.94 14.22
N GLN A 258 -11.16 29.60 15.28
CA GLN A 258 -11.49 28.95 16.59
C GLN A 258 -12.86 28.24 16.49
N ARG A 259 -13.57 28.41 15.39
CA ARG A 259 -14.82 27.67 15.11
C ARG A 259 -14.52 26.22 14.70
N TYR A 260 -13.32 25.94 14.22
CA TYR A 260 -13.03 24.67 13.51
C TYR A 260 -12.28 23.71 14.42
N THR A 261 -12.64 22.43 14.32
CA THR A 261 -12.05 21.33 15.10
C THR A 261 -11.58 20.21 14.17
N CYS A 262 -10.48 19.58 14.55
CA CYS A 262 -9.93 18.43 13.82
C CYS A 262 -9.96 17.25 14.78
N HIS A 263 -10.67 16.19 14.40
CA HIS A 263 -10.86 15.01 15.27
C HIS A 263 -10.06 13.84 14.73
N VAL A 264 -9.25 13.25 15.61
CA VAL A 264 -8.26 12.20 15.26
C VAL A 264 -8.61 10.90 15.97
N GLN A 265 -8.73 9.83 15.19
CA GLN A 265 -9.06 8.47 15.69
C GLN A 265 -8.00 7.47 15.26
N HIS A 266 -7.38 6.81 16.23
CA HIS A 266 -6.37 5.75 16.01
C HIS A 266 -6.44 4.75 17.17
N GLU A 267 -6.11 3.49 16.92
CA GLU A 267 -6.23 2.39 17.91
C GLU A 267 -5.38 2.74 19.15
N GLY A 268 -4.17 3.25 18.93
CA GLY A 268 -3.24 3.73 19.98
C GLY A 268 -3.86 4.76 20.93
N LEU A 269 -4.69 5.69 20.43
CA LEU A 269 -5.21 6.83 21.24
C LEU A 269 -6.24 6.34 22.25
N PRO A 270 -6.08 6.70 23.55
CA PRO A 270 -7.07 6.42 24.58
C PRO A 270 -8.43 7.04 24.26
N LYS A 271 -8.37 8.33 24.01
CA LYS A 271 -9.55 9.15 23.66
C LYS A 271 -9.26 9.68 22.27
N PRO A 272 -10.27 9.76 21.40
CA PRO A 272 -10.14 10.56 20.18
C PRO A 272 -9.75 12.01 20.47
N LEU A 273 -8.64 12.48 19.87
CA LEU A 273 -8.07 13.83 20.05
C LEU A 273 -8.91 14.87 19.34
N THR A 274 -9.07 16.02 19.99
CA THR A 274 -9.78 17.19 19.44
C THR A 274 -8.78 18.34 19.42
N LEU A 275 -8.49 18.87 18.23
CA LEU A 275 -7.50 19.95 18.06
C LEU A 275 -8.25 21.19 17.58
N ARG A 276 -7.93 22.32 18.19
CA ARG A 276 -8.53 23.63 17.85
C ARG A 276 -7.41 24.64 17.65
N TRP A 277 -7.54 25.49 16.64
CA TRP A 277 -6.60 26.62 16.47
C TRP A 277 -7.06 27.77 17.38
N GLU A 278 -6.36 28.02 18.48
CA GLU A 278 -6.75 29.11 19.41
C GLU A 278 -5.83 30.32 19.21
N LEU A 279 -6.42 31.42 18.75
CA LEU A 279 -5.78 32.75 18.55
C LEU A 279 -5.31 33.35 19.89
N SER A 280 -4.82 34.59 19.89
CA SER A 280 -4.26 35.26 21.09
C SER A 280 -5.34 35.43 22.18
N SER A 281 -4.90 35.65 23.43
CA SER A 281 -5.75 35.73 24.65
C SER A 281 -6.07 37.17 25.05
N ALA B 20 -7.03 -0.92 -20.14
CA ALA B 20 -8.51 -0.70 -20.15
C ALA B 20 -8.86 0.51 -19.27
N ILE B 21 -8.69 0.39 -17.96
CA ILE B 21 -8.89 1.53 -17.02
C ILE B 21 -7.52 2.15 -16.77
N GLN B 22 -7.43 3.46 -16.78
CA GLN B 22 -6.17 4.16 -16.50
C GLN B 22 -6.44 5.12 -15.35
N ARG B 23 -5.58 5.10 -14.34
CA ARG B 23 -5.72 6.00 -13.17
C ARG B 23 -4.42 6.76 -12.97
N THR B 24 -4.58 8.05 -12.77
CA THR B 24 -3.50 9.03 -12.67
C THR B 24 -2.87 8.95 -11.28
N PRO B 25 -1.52 9.06 -11.22
CA PRO B 25 -0.82 9.07 -9.93
C PRO B 25 -1.26 10.24 -9.06
N LYS B 26 -1.38 10.00 -7.75
CA LYS B 26 -1.43 11.07 -6.73
C LYS B 26 -0.03 11.12 -6.10
N ILE B 27 0.57 12.30 -6.13
CA ILE B 27 2.02 12.45 -5.86
C ILE B 27 2.17 13.19 -4.55
N GLN B 28 2.95 12.66 -3.62
CA GLN B 28 3.19 13.42 -2.37
C GLN B 28 4.69 13.50 -2.14
N VAL B 29 5.19 14.66 -1.74
CA VAL B 29 6.65 14.85 -1.53
C VAL B 29 6.86 15.40 -0.15
N TYR B 30 7.75 14.75 0.61
CA TYR B 30 7.85 15.07 2.05
C TYR B 30 9.08 14.44 2.64
N SER B 31 9.36 14.84 3.87
CA SER B 31 10.54 14.35 4.62
C SER B 31 10.05 13.32 5.66
N ARG B 32 10.85 12.30 5.93
CA ARG B 32 10.53 11.31 6.99
C ARG B 32 10.28 12.05 8.30
N HIS B 33 11.26 12.82 8.76
CA HIS B 33 11.10 13.64 9.99
C HIS B 33 10.95 15.11 9.60
N PRO B 34 10.30 15.92 10.47
CA PRO B 34 10.25 17.36 10.25
C PRO B 34 11.64 17.90 9.88
N ALA B 35 11.68 18.89 9.00
CA ALA B 35 12.94 19.35 8.40
C ALA B 35 13.59 20.34 9.37
N GLU B 36 14.87 20.13 9.62
CA GLU B 36 15.71 21.06 10.41
C GLU B 36 17.04 21.20 9.67
N ASN B 37 17.31 22.43 9.24
CA ASN B 37 18.49 22.74 8.38
C ASN B 37 19.74 22.12 9.00
N GLY B 38 20.53 21.43 8.19
CA GLY B 38 21.85 20.90 8.62
C GLY B 38 21.76 19.48 9.10
N LYS B 39 20.59 19.02 9.53
CA LYS B 39 20.40 17.66 10.10
C LYS B 39 19.91 16.72 9.00
N SER B 40 20.51 15.53 8.93
CA SER B 40 20.20 14.55 7.87
C SER B 40 18.82 13.96 8.14
N ASN B 41 18.22 13.47 7.06
CA ASN B 41 16.78 13.18 6.98
C ASN B 41 16.61 12.33 5.75
N PHE B 42 15.38 11.98 5.43
CA PHE B 42 15.07 11.24 4.18
C PHE B 42 14.00 12.01 3.43
N LEU B 43 14.16 11.98 2.13
CA LEU B 43 13.23 12.67 1.23
C LEU B 43 12.35 11.61 0.58
N ASN B 44 11.05 11.82 0.70
CA ASN B 44 10.05 10.85 0.22
C ASN B 44 9.28 11.41 -0.98
N CYS B 45 9.11 10.54 -1.95
CA CYS B 45 8.08 10.73 -2.98
C CYS B 45 7.16 9.52 -2.99
N TYR B 46 5.96 9.67 -2.47
CA TYR B 46 4.93 8.61 -2.44
C TYR B 46 3.96 8.80 -3.61
N VAL B 47 3.95 7.84 -4.55
CA VAL B 47 2.98 7.87 -5.67
C VAL B 47 1.96 6.78 -5.44
N SER B 48 0.69 7.13 -5.53
CA SER B 48 -0.40 6.14 -5.35
C SER B 48 -1.57 6.43 -6.29
N GLY B 49 -2.51 5.47 -6.32
CA GLY B 49 -3.78 5.57 -7.04
C GLY B 49 -3.61 5.30 -8.52
N PHE B 50 -2.52 4.69 -8.97
CA PHE B 50 -2.20 4.66 -10.42
C PHE B 50 -2.38 3.27 -11.01
N HIS B 51 -2.69 3.26 -12.29
CA HIS B 51 -2.87 2.05 -13.10
C HIS B 51 -2.75 2.46 -14.55
N PRO B 52 -1.95 1.75 -15.37
CA PRO B 52 -1.21 0.55 -14.94
C PRO B 52 0.06 0.89 -14.15
N SER B 53 0.81 -0.15 -13.78
CA SER B 53 1.94 -0.11 -12.80
C SER B 53 3.18 0.54 -13.38
N ASP B 54 3.32 0.56 -14.69
CA ASP B 54 4.54 1.15 -15.30
C ASP B 54 4.58 2.65 -14.98
N ILE B 55 5.65 3.10 -14.34
CA ILE B 55 5.77 4.51 -13.88
C ILE B 55 7.24 4.90 -13.75
N GLU B 56 7.59 6.14 -14.04
CA GLU B 56 8.97 6.57 -13.79
C GLU B 56 8.89 7.64 -12.72
N VAL B 57 9.76 7.49 -11.74
CA VAL B 57 9.84 8.45 -10.62
C VAL B 57 11.29 8.83 -10.44
N ASP B 58 11.57 10.13 -10.34
CA ASP B 58 12.92 10.67 -10.07
C ASP B 58 12.81 11.69 -8.95
N LEU B 59 13.75 11.66 -8.01
CA LEU B 59 13.91 12.75 -7.02
C LEU B 59 14.90 13.74 -7.63
N LEU B 60 14.71 15.03 -7.37
CA LEU B 60 15.58 16.04 -8.00
C LEU B 60 16.07 16.98 -6.92
N LYS B 61 17.33 17.37 -7.08
CA LYS B 61 17.95 18.46 -6.29
C LYS B 61 18.25 19.60 -7.26
N ASN B 62 17.77 20.81 -6.96
CA ASN B 62 18.02 22.00 -7.82
C ASN B 62 17.86 21.63 -9.30
N GLY B 63 16.79 20.92 -9.69
CA GLY B 63 16.52 20.59 -11.10
C GLY B 63 17.23 19.35 -11.59
N GLU B 64 18.17 18.78 -10.82
CA GLU B 64 18.99 17.65 -11.36
C GLU B 64 18.62 16.34 -10.66
N ARG B 65 18.55 15.26 -11.44
CA ARG B 65 18.30 13.89 -10.96
C ARG B 65 19.26 13.59 -9.82
N ILE B 66 18.76 12.93 -8.79
CA ILE B 66 19.61 12.27 -7.76
C ILE B 66 19.72 10.80 -8.14
N GLU B 67 20.93 10.25 -8.29
CA GLU B 67 21.10 8.77 -8.42
C GLU B 67 21.26 8.25 -6.99
N LYS B 68 21.27 6.93 -6.77
CA LYS B 68 21.26 6.35 -5.40
C LYS B 68 19.93 6.79 -4.77
N VAL B 69 18.86 6.47 -5.47
CA VAL B 69 17.48 6.70 -4.99
C VAL B 69 16.83 5.34 -4.87
N GLU B 70 16.23 5.02 -3.72
CA GLU B 70 15.64 3.67 -3.54
C GLU B 70 14.11 3.71 -3.63
N HIS B 71 13.53 2.54 -3.86
CA HIS B 71 12.07 2.45 -3.75
C HIS B 71 11.57 1.15 -3.13
N SER B 72 10.36 1.25 -2.59
CA SER B 72 9.57 0.10 -2.08
C SER B 72 9.22 -0.88 -3.21
N ASP B 73 8.86 -2.08 -2.79
CA ASP B 73 8.36 -3.14 -3.70
C ASP B 73 6.93 -2.82 -4.11
N LEU B 74 6.62 -2.88 -5.39
CA LEU B 74 5.24 -2.64 -5.88
C LEU B 74 4.22 -3.45 -5.07
N SER B 75 3.26 -2.74 -4.49
CA SER B 75 2.04 -3.30 -3.91
C SER B 75 0.84 -2.48 -4.38
N PHE B 76 -0.33 -2.77 -3.81
CA PHE B 76 -1.57 -2.09 -4.25
C PHE B 76 -2.62 -2.05 -3.15
N SER B 77 -3.59 -1.19 -3.39
CA SER B 77 -4.70 -0.90 -2.45
C SER B 77 -5.90 -1.81 -2.73
N LYS B 78 -6.91 -1.70 -1.87
CA LYS B 78 -8.18 -2.46 -1.93
C LYS B 78 -8.94 -2.17 -3.23
N ASP B 79 -8.73 -1.01 -3.84
CA ASP B 79 -9.36 -0.69 -5.15
C ASP B 79 -8.49 -1.19 -6.31
N TRP B 80 -7.38 -1.92 -6.04
CA TRP B 80 -6.41 -2.47 -7.05
C TRP B 80 -5.42 -1.42 -7.56
N SER B 81 -5.51 -0.14 -7.19
CA SER B 81 -4.55 0.89 -7.67
C SER B 81 -3.18 0.71 -6.98
N PHE B 82 -2.10 0.93 -7.71
CA PHE B 82 -0.72 0.73 -7.20
C PHE B 82 -0.24 1.90 -6.33
N TYR B 83 0.76 1.61 -5.50
CA TYR B 83 1.51 2.63 -4.74
C TYR B 83 2.98 2.23 -4.62
N LEU B 84 3.83 3.25 -4.59
CA LEU B 84 5.29 3.08 -4.49
C LEU B 84 5.85 4.20 -3.66
N LEU B 85 6.91 3.91 -2.92
CA LEU B 85 7.66 4.93 -2.17
C LEU B 85 9.07 5.01 -2.75
N TYR B 86 9.46 6.17 -3.25
CA TYR B 86 10.86 6.48 -3.59
C TYR B 86 11.42 7.37 -2.51
N TYR B 87 12.63 7.06 -2.07
CA TYR B 87 13.28 7.85 -1.00
C TYR B 87 14.79 7.89 -1.20
N THR B 88 15.39 8.84 -0.52
CA THR B 88 16.86 8.96 -0.52
C THR B 88 17.24 9.82 0.65
N GLU B 89 18.44 9.58 1.16
CA GLU B 89 18.99 10.36 2.30
C GLU B 89 19.39 11.74 1.79
N PHE B 90 19.19 12.75 2.62
CA PHE B 90 19.57 14.13 2.27
C PHE B 90 19.65 14.97 3.54
N THR B 91 20.30 16.13 3.39
CA THR B 91 20.30 17.21 4.41
C THR B 91 19.64 18.46 3.84
N PRO B 92 18.52 18.92 4.42
CA PRO B 92 17.98 20.23 4.09
C PRO B 92 18.95 21.39 4.38
N THR B 93 18.77 22.44 3.58
CA THR B 93 19.49 23.74 3.60
C THR B 93 18.53 24.78 3.01
N GLU B 94 18.61 26.04 3.42
CA GLU B 94 17.71 27.08 2.87
C GLU B 94 17.88 27.16 1.35
N LYS B 95 19.11 27.09 0.84
CA LYS B 95 19.40 27.33 -0.59
C LYS B 95 18.87 26.19 -1.48
N ASP B 96 19.02 24.93 -1.07
CA ASP B 96 18.73 23.75 -1.93
C ASP B 96 17.22 23.56 -2.12
N GLU B 97 16.81 23.26 -3.36
CA GLU B 97 15.39 23.05 -3.75
C GLU B 97 15.18 21.60 -4.22
N TYR B 98 14.24 20.87 -3.59
CA TYR B 98 13.98 19.43 -3.91
C TYR B 98 12.60 19.23 -4.54
N ALA B 99 12.55 18.33 -5.53
CA ALA B 99 11.28 18.02 -6.22
C ALA B 99 11.13 16.54 -6.48
N CYS B 100 9.94 16.13 -6.88
CA CYS B 100 9.67 14.77 -7.38
C CYS B 100 9.17 14.82 -8.81
N ARG B 101 9.73 14.02 -9.71
CA ARG B 101 9.29 14.06 -11.13
C ARG B 101 8.75 12.70 -11.55
N VAL B 102 7.47 12.69 -11.92
CA VAL B 102 6.71 11.44 -12.22
C VAL B 102 6.29 11.44 -13.67
N ASN B 103 6.51 10.33 -14.36
CA ASN B 103 5.92 10.12 -15.69
C ASN B 103 5.03 8.87 -15.67
N HIS B 104 3.86 8.97 -16.27
CA HIS B 104 2.89 7.86 -16.37
C HIS B 104 2.08 8.04 -17.64
N VAL B 105 1.52 6.97 -18.15
CA VAL B 105 0.78 7.03 -19.44
C VAL B 105 -0.36 8.06 -19.34
N THR B 106 -0.90 8.32 -18.15
CA THR B 106 -2.07 9.24 -17.97
C THR B 106 -1.64 10.71 -18.01
N LEU B 107 -0.34 11.00 -18.02
CA LEU B 107 0.14 12.40 -17.90
C LEU B 107 0.57 12.89 -19.29
N SER B 108 0.19 14.13 -19.62
CA SER B 108 0.54 14.79 -20.91
C SER B 108 2.05 14.92 -20.96
N GLN B 109 2.62 15.45 -19.87
CA GLN B 109 4.09 15.64 -19.69
C GLN B 109 4.46 15.11 -18.31
N PRO B 110 5.74 14.80 -18.02
CA PRO B 110 6.14 14.48 -16.65
C PRO B 110 5.66 15.56 -15.65
N LYS B 111 5.06 15.12 -14.54
CA LYS B 111 4.56 16.04 -13.50
C LYS B 111 5.70 16.25 -12.53
N ILE B 112 6.03 17.49 -12.22
CA ILE B 112 6.98 17.75 -11.10
C ILE B 112 6.19 18.29 -9.95
N VAL B 113 6.47 17.77 -8.75
CA VAL B 113 5.90 18.33 -7.51
C VAL B 113 7.08 18.72 -6.62
N LYS B 114 6.97 19.89 -6.03
CA LYS B 114 8.09 20.53 -5.36
C LYS B 114 8.00 20.17 -3.89
N TRP B 115 9.14 19.89 -3.29
CA TRP B 115 9.17 19.71 -1.83
C TRP B 115 8.85 21.05 -1.16
N ASP B 116 7.74 21.08 -0.44
CA ASP B 116 7.35 22.27 0.36
C ASP B 116 7.56 21.94 1.85
N ARG B 117 8.39 22.76 2.50
CA ARG B 117 8.91 22.56 3.87
C ARG B 117 7.83 22.15 4.86
N ASP B 118 6.62 22.71 4.80
CA ASP B 118 5.49 22.21 5.62
C ASP B 118 5.00 20.88 5.03
N MET B 119 5.72 19.78 5.32
CA MET B 119 5.48 18.39 4.82
C MET B 119 6.70 17.51 5.13
N THR C 1 3.67 -18.18 5.64
CA THR C 1 4.06 -18.91 4.38
C THR C 1 2.98 -18.72 3.31
N THR C 2 3.45 -18.77 2.08
CA THR C 2 2.59 -18.71 0.88
C THR C 2 1.66 -19.91 0.86
N ALA C 3 0.60 -19.72 0.09
CA ALA C 3 -0.48 -20.69 -0.04
C ALA C 3 -0.09 -21.59 -1.19
N PRO C 4 -0.61 -22.83 -1.19
CA PRO C 4 -0.45 -23.71 -2.33
C PRO C 4 -1.19 -23.17 -3.55
N PHE C 5 -0.53 -23.20 -4.71
CA PHE C 5 -1.11 -22.93 -6.06
CA PHE C 5 -1.08 -23.12 -6.09
C PHE C 5 -2.59 -23.33 -6.16
N LEU C 6 -3.31 -22.48 -6.90
CA LEU C 6 -4.60 -22.88 -7.50
C LEU C 6 -4.29 -23.30 -8.95
N SER C 7 -5.08 -24.20 -9.49
CA SER C 7 -5.01 -24.55 -10.94
C SER C 7 -5.36 -23.33 -11.78
N GLY C 8 -5.05 -23.46 -13.07
CA GLY C 8 -5.17 -22.36 -14.04
C GLY C 8 -6.56 -21.81 -14.08
N LYS C 9 -6.66 -20.55 -14.48
CA LYS C 9 -7.96 -19.83 -14.56
C LYS C 9 -8.66 -20.21 -15.86
O1 MES D . -22.07 -16.52 0.16
C2 MES D . -23.18 -16.90 0.97
C3 MES D . -23.18 -18.37 1.28
N4 MES D . -23.16 -19.19 0.03
C5 MES D . -22.05 -18.72 -0.86
C6 MES D . -22.14 -17.23 -1.07
C7 MES D . -23.06 -20.66 0.34
C8 MES D . -22.17 -21.42 -0.61
S MES D . -22.60 -23.14 -0.66
O1S MES D . -23.81 -23.21 -1.43
O2S MES D . -21.48 -23.81 -1.27
O3S MES D . -22.81 -23.54 0.70
S SO4 E . 17.62 -5.81 -6.26
O1 SO4 E . 17.19 -5.27 -7.53
O2 SO4 E . 18.83 -5.13 -5.84
O3 SO4 E . 17.94 -7.23 -6.40
O4 SO4 E . 16.59 -5.60 -5.26
S SO4 F . -6.34 5.94 2.88
O1 SO4 F . -5.49 7.11 2.94
O2 SO4 F . -6.86 5.77 1.54
O3 SO4 F . -7.45 6.10 3.79
O4 SO4 F . -5.58 4.77 3.27
S SO4 G . 12.01 -0.82 -11.68
O1 SO4 G . 12.75 -0.27 -12.78
O2 SO4 G . 11.13 -1.85 -12.18
O3 SO4 G . 11.21 0.21 -11.06
O4 SO4 G . 12.90 -1.38 -10.69
S SO4 H . -17.80 23.17 19.22
O1 SO4 H . -16.88 24.01 18.49
O2 SO4 H . -18.75 22.59 18.30
O3 SO4 H . -18.50 23.96 20.20
O4 SO4 H . -17.06 22.12 19.88
S SO4 I . -19.22 -9.71 -19.32
O1 SO4 I . -18.30 -8.59 -19.30
O2 SO4 I . -19.95 -9.75 -20.56
O3 SO4 I . -20.16 -9.57 -18.24
O4 SO4 I . -18.47 -10.94 -19.18
S SO4 J . 5.86 -27.15 10.50
O1 SO4 J . 7.05 -26.55 9.94
O2 SO4 J . 4.73 -26.28 10.27
O3 SO4 J . 5.60 -28.41 9.85
O4 SO4 J . 6.03 -27.35 11.91
S SO4 K . -10.23 -3.57 -23.84
O1 SO4 K . -10.10 -2.78 -25.05
O2 SO4 K . -10.52 -4.93 -24.18
O3 SO4 K . -11.30 -3.03 -23.03
O4 SO4 K . -8.98 -3.52 -23.11
O1 MES L . 0.57 2.15 2.92
C2 MES L . -0.24 2.33 4.07
C3 MES L . -1.44 1.41 4.07
N4 MES L . -2.26 1.66 2.85
C5 MES L . -1.39 1.53 1.63
C6 MES L . -0.19 2.44 1.75
C7 MES L . -3.45 0.75 2.77
C8 MES L . -4.33 0.99 1.57
S MES L . -5.76 -0.06 1.57
O1S MES L . -6.47 0.24 0.35
O2S MES L . -5.25 -1.40 1.61
O3S MES L . -6.51 0.27 2.73
S SO4 M . -8.18 9.44 -12.34
O1 SO4 M . -6.96 9.15 -13.02
O2 SO4 M . -9.16 9.81 -13.34
O3 SO4 M . -8.63 8.27 -11.60
O4 SO4 M . -7.99 10.54 -11.42
S SO4 N . 22.87 15.90 0.75
O1 SO4 N . 23.91 16.92 0.69
O2 SO4 N . 21.80 16.26 -0.16
O3 SO4 N . 22.36 15.85 2.12
O4 SO4 N . 23.44 14.64 0.38
S SO4 O . 15.76 7.34 11.28
O1 SO4 O . 16.75 6.59 10.54
O2 SO4 O . 15.28 8.44 10.48
O3 SO4 O . 14.65 6.48 11.63
O4 SO4 O . 16.34 7.87 12.48
C1 PEG P . 22.37 15.18 14.36
O1 PEG P . 20.99 14.91 14.47
C2 PEG P . 22.80 15.44 12.94
O2 PEG P . 22.80 14.21 12.22
C3 PEG P . 23.56 14.26 11.01
C4 PEG P . 24.69 13.26 11.06
O4 PEG P . 25.53 13.36 9.93
C1 PEG Q . -3.89 14.46 -4.93
O1 PEG Q . -2.63 14.44 -4.25
C2 PEG Q . -3.90 15.36 -6.14
O2 PEG Q . -2.69 15.19 -6.89
C3 PEG Q . -1.76 16.27 -6.74
C4 PEG Q . -0.43 15.95 -7.37
O4 PEG Q . -0.51 14.96 -8.38
#